data_3FCV
#
_entry.id   3FCV
#
_cell.length_a   70.407
_cell.length_b   70.407
_cell.length_c   104.846
_cell.angle_alpha   90.00
_cell.angle_beta   90.00
_cell.angle_gamma   120.00
#
_symmetry.space_group_name_H-M   'P 63'
#
loop_
_entity.id
_entity.type
_entity.pdbx_description
1 polymer 'Nucleoside diphosphate kinase'
2 non-polymer "DEOXYURIDINE-5'-DIPHOSPHATE"
3 non-polymer 'MAGNESIUM ION'
4 water water
#
_entity_poly.entity_id   1
_entity_poly.type   'polypeptide(L)'
_entity_poly.pdbx_seq_one_letter_code
;YKKAGLQRTLVLIKPDAFERSLVAEIMGRIEKKNFKIVSMKFWSKAPRNLIEQHYKEHSEQSYFNDLCDFMVSGPIISIV
YEGTDAISKIRRLQGNTNPLASAPGTIRGDLANDIGENLIHASDSEDSAVDEISIWFPETKMETDN
;
_entity_poly.pdbx_strand_id   A,B
#
# COMPACT_ATOMS: atom_id res chain seq x y z
N LEU A 6 -16.40 -2.19 -16.52
CA LEU A 6 -15.72 -2.14 -15.23
C LEU A 6 -15.07 -3.47 -14.90
N GLN A 7 -13.76 -3.58 -15.12
CA GLN A 7 -13.04 -4.82 -14.89
C GLN A 7 -12.23 -4.80 -13.59
N ARG A 8 -11.88 -5.98 -13.10
CA ARG A 8 -11.00 -6.10 -11.95
C ARG A 8 -9.77 -6.92 -12.33
N THR A 9 -8.60 -6.43 -11.92
CA THR A 9 -7.35 -7.11 -12.27
C THR A 9 -6.46 -7.33 -11.04
N LEU A 10 -5.65 -8.40 -11.10
CA LEU A 10 -4.76 -8.74 -10.00
C LEU A 10 -3.36 -8.16 -10.26
N VAL A 11 -2.81 -7.48 -9.26
CA VAL A 11 -1.48 -6.90 -9.37
C VAL A 11 -0.59 -7.31 -8.19
N LEU A 12 0.64 -7.67 -8.49
CA LEU A 12 1.61 -8.03 -7.45
C LEU A 12 2.81 -7.10 -7.45
N ILE A 13 3.09 -6.50 -6.30
CA ILE A 13 4.32 -5.73 -6.11
C ILE A 13 5.39 -6.71 -5.64
N LYS A 14 6.36 -6.96 -6.51
CA LYS A 14 7.37 -7.99 -6.28
C LYS A 14 8.47 -7.56 -5.31
N PRO A 15 9.23 -8.54 -4.79
CA PRO A 15 10.27 -8.31 -3.78
C PRO A 15 11.35 -7.28 -4.19
N ASP A 16 11.58 -7.11 -5.48
CA ASP A 16 12.59 -6.16 -5.93
C ASP A 16 12.14 -4.71 -5.71
N ALA A 17 10.84 -4.52 -5.61
CA ALA A 17 10.27 -3.20 -5.31
C ALA A 17 10.61 -2.77 -3.90
N PHE A 18 10.47 -3.69 -2.95
CA PHE A 18 10.77 -3.41 -1.54
C PHE A 18 12.27 -3.20 -1.33
N GLU A 19 13.07 -4.02 -1.97
CA GLU A 19 14.53 -3.92 -1.85
C GLU A 19 15.03 -2.59 -2.37
N ARG A 20 14.43 -2.11 -3.44
CA ARG A 20 14.86 -0.87 -4.09
C ARG A 20 14.01 0.32 -3.67
N SER A 21 13.03 0.07 -2.81
CA SER A 21 12.17 1.11 -2.28
C SER A 21 11.36 1.81 -3.37
N LEU A 22 10.76 1.03 -4.26
CA LEU A 22 9.96 1.57 -5.35
C LEU A 22 8.48 1.24 -5.20
N VAL A 23 8.10 0.77 -4.02
CA VAL A 23 6.72 0.37 -3.76
C VAL A 23 5.74 1.50 -4.05
N ALA A 24 5.95 2.64 -3.39
CA ALA A 24 5.07 3.79 -3.56
C ALA A 24 5.13 4.33 -4.99
N GLU A 25 6.31 4.29 -5.59
CA GLU A 25 6.49 4.74 -6.97
C GLU A 25 5.54 3.99 -7.90
N ILE A 26 5.54 2.67 -7.80
CA ILE A 26 4.73 1.81 -8.66
C ILE A 26 3.23 2.02 -8.42
N MET A 27 2.84 2.03 -7.15
CA MET A 27 1.44 2.20 -6.78
C MET A 27 0.93 3.59 -7.14
N GLY A 28 1.81 4.57 -7.09
CA GLY A 28 1.45 5.95 -7.42
C GLY A 28 1.17 6.14 -8.89
N ARG A 29 1.89 5.40 -9.73
CA ARG A 29 1.68 5.47 -11.17
C ARG A 29 0.30 4.95 -11.53
N ILE A 30 -0.15 3.92 -10.81
CA ILE A 30 -1.47 3.34 -11.03
C ILE A 30 -2.55 4.23 -10.41
N GLU A 31 -2.24 4.77 -9.24
CA GLU A 31 -3.17 5.65 -8.53
C GLU A 31 -3.43 6.93 -9.33
N LYS A 32 -2.37 7.51 -9.89
CA LYS A 32 -2.50 8.72 -10.71
C LYS A 32 -3.30 8.45 -11.97
N LYS A 33 -3.27 7.21 -12.45
CA LYS A 33 -4.04 6.82 -13.62
C LYS A 33 -5.51 6.74 -13.25
N ASN A 34 -5.78 6.81 -11.94
CA ASN A 34 -7.14 6.89 -11.40
C ASN A 34 -7.81 5.53 -11.23
N PHE A 35 -7.02 4.51 -10.91
CA PHE A 35 -7.56 3.18 -10.61
C PHE A 35 -7.77 3.02 -9.11
N LYS A 36 -8.88 2.39 -8.75
CA LYS A 36 -9.27 2.27 -7.35
C LYS A 36 -8.93 0.91 -6.76
N ILE A 37 -8.33 0.94 -5.57
CA ILE A 37 -8.01 -0.28 -4.84
C ILE A 37 -9.27 -0.90 -4.25
N VAL A 38 -9.52 -2.16 -4.61
CA VAL A 38 -10.68 -2.89 -4.11
C VAL A 38 -10.25 -3.79 -2.96
N SER A 39 -9.14 -4.50 -3.17
CA SER A 39 -8.59 -5.38 -2.15
C SER A 39 -7.07 -5.24 -2.13
N MET A 40 -6.48 -5.36 -0.95
CA MET A 40 -5.03 -5.29 -0.82
C MET A 40 -4.52 -6.13 0.33
N LYS A 41 -3.52 -6.95 0.05
CA LYS A 41 -2.93 -7.83 1.05
C LYS A 41 -1.41 -7.74 1.04
N PHE A 42 -0.82 -7.60 2.23
CA PHE A 42 0.63 -7.59 2.37
C PHE A 42 1.13 -8.94 2.85
N TRP A 43 2.18 -9.43 2.20
CA TRP A 43 2.80 -10.69 2.58
C TRP A 43 4.27 -10.45 2.94
N SER A 44 4.65 -10.79 4.15
CA SER A 44 6.04 -10.72 4.55
C SER A 44 6.83 -11.72 3.71
N LYS A 45 6.15 -12.81 3.35
CA LYS A 45 6.69 -13.82 2.45
C LYS A 45 5.58 -14.73 1.96
N ALA A 46 5.26 -14.65 0.68
CA ALA A 46 4.25 -15.51 0.10
C ALA A 46 4.70 -16.98 0.21
N PRO A 47 3.75 -17.88 0.51
CA PRO A 47 4.06 -19.32 0.51
C PRO A 47 4.43 -19.75 -0.90
N ARG A 48 5.46 -20.58 -1.03
CA ARG A 48 5.92 -21.03 -2.35
C ARG A 48 4.78 -21.63 -3.16
N ASN A 49 3.88 -22.36 -2.50
CA ASN A 49 2.77 -23.00 -3.20
C ASN A 49 1.85 -21.97 -3.85
N LEU A 50 1.57 -20.90 -3.14
CA LEU A 50 0.73 -19.83 -3.67
C LEU A 50 1.37 -19.27 -4.93
N ILE A 51 2.70 -19.15 -4.89
CA ILE A 51 3.47 -18.65 -6.02
C ILE A 51 3.43 -19.63 -7.19
N GLU A 52 3.64 -20.92 -6.90
CA GLU A 52 3.63 -21.94 -7.92
C GLU A 52 2.29 -22.00 -8.65
N GLN A 53 1.21 -21.69 -7.91
CA GLN A 53 -0.12 -21.66 -8.49
C GLN A 53 -0.30 -20.47 -9.40
N HIS A 54 0.13 -19.30 -8.92
CA HIS A 54 0.05 -18.08 -9.70
C HIS A 54 0.79 -18.25 -11.03
N TYR A 55 1.87 -19.03 -11.01
CA TYR A 55 2.67 -19.25 -12.21
C TYR A 55 2.60 -20.68 -12.72
N LYS A 56 1.48 -21.35 -12.51
CA LYS A 56 1.32 -22.73 -12.92
C LYS A 56 1.52 -22.92 -14.42
N GLU A 57 1.28 -21.86 -15.19
CA GLU A 57 1.47 -21.93 -16.64
C GLU A 57 2.93 -22.03 -17.03
N HIS A 58 3.82 -21.66 -16.12
CA HIS A 58 5.25 -21.60 -16.42
C HIS A 58 6.03 -22.73 -15.76
N SER A 59 5.33 -23.79 -15.37
CA SER A 59 5.96 -24.89 -14.63
C SER A 59 7.00 -25.66 -15.44
N GLU A 60 6.84 -25.68 -16.76
CA GLU A 60 7.76 -26.41 -17.63
C GLU A 60 8.91 -25.55 -18.14
N GLN A 61 8.80 -24.24 -17.95
CA GLN A 61 9.87 -23.33 -18.32
C GLN A 61 11.10 -23.58 -17.45
N SER A 62 12.27 -23.23 -17.96
CA SER A 62 13.53 -23.50 -17.26
C SER A 62 13.77 -22.51 -16.13
N TYR A 63 13.05 -21.39 -16.14
CA TYR A 63 13.24 -20.34 -15.15
C TYR A 63 12.27 -20.48 -13.98
N PHE A 64 11.35 -21.42 -14.08
CA PHE A 64 10.29 -21.60 -13.08
C PHE A 64 10.81 -21.57 -11.65
N ASN A 65 11.84 -22.35 -11.35
CA ASN A 65 12.32 -22.46 -9.98
C ASN A 65 12.99 -21.20 -9.46
N ASP A 66 13.78 -20.55 -10.32
CA ASP A 66 14.41 -19.28 -9.97
C ASP A 66 13.33 -18.22 -9.77
N LEU A 67 12.33 -18.26 -10.64
CA LEU A 67 11.18 -17.36 -10.54
C LEU A 67 10.51 -17.48 -9.18
N CYS A 68 10.21 -18.72 -8.78
CA CYS A 68 9.57 -18.98 -7.49
C CYS A 68 10.48 -18.57 -6.32
N ASP A 69 11.78 -18.82 -6.47
CA ASP A 69 12.74 -18.46 -5.45
C ASP A 69 12.78 -16.95 -5.24
N PHE A 70 12.74 -16.20 -6.35
CA PHE A 70 12.77 -14.74 -6.28
C PHE A 70 11.50 -14.17 -5.66
N MET A 71 10.36 -14.80 -5.95
CA MET A 71 9.07 -14.30 -5.50
C MET A 71 8.83 -14.52 -4.00
N VAL A 72 9.64 -15.35 -3.37
CA VAL A 72 9.54 -15.59 -1.94
C VAL A 72 10.77 -15.04 -1.21
N SER A 73 11.59 -14.29 -1.93
CA SER A 73 12.83 -13.77 -1.37
C SER A 73 12.60 -12.47 -0.60
N GLY A 74 11.39 -11.94 -0.68
CA GLY A 74 11.05 -10.70 0.00
C GLY A 74 9.54 -10.52 0.08
N PRO A 75 9.10 -9.39 0.65
CA PRO A 75 7.67 -9.10 0.80
C PRO A 75 6.99 -8.96 -0.56
N ILE A 76 5.67 -9.14 -0.58
CA ILE A 76 4.86 -8.95 -1.78
C ILE A 76 3.54 -8.28 -1.43
N ILE A 77 3.09 -7.37 -2.27
CA ILE A 77 1.78 -6.75 -2.10
C ILE A 77 0.84 -7.20 -3.21
N SER A 78 -0.25 -7.86 -2.82
CA SER A 78 -1.27 -8.25 -3.77
C SER A 78 -2.39 -7.20 -3.77
N ILE A 79 -2.78 -6.76 -4.96
CA ILE A 79 -3.78 -5.71 -5.08
C ILE A 79 -4.79 -6.02 -6.18
N VAL A 80 -6.06 -5.78 -5.88
CA VAL A 80 -7.09 -5.83 -6.92
C VAL A 80 -7.45 -4.39 -7.30
N TYR A 81 -7.12 -4.00 -8.52
CA TYR A 81 -7.50 -2.69 -9.01
C TYR A 81 -8.78 -2.79 -9.81
N GLU A 82 -9.60 -1.75 -9.75
CA GLU A 82 -10.89 -1.74 -10.43
C GLU A 82 -11.06 -0.48 -11.27
N GLY A 83 -11.58 -0.67 -12.48
CA GLY A 83 -11.81 0.44 -13.39
C GLY A 83 -12.15 -0.06 -14.78
N THR A 84 -12.58 0.85 -15.65
CA THR A 84 -12.96 0.48 -17.01
C THR A 84 -11.75 -0.01 -17.80
N ASP A 85 -11.82 -1.26 -18.25
CA ASP A 85 -10.74 -1.88 -19.02
C ASP A 85 -9.44 -1.96 -18.21
N ALA A 86 -9.57 -2.12 -16.90
CA ALA A 86 -8.42 -2.14 -16.00
C ALA A 86 -7.33 -3.12 -16.43
N ILE A 87 -7.74 -4.27 -16.95
CA ILE A 87 -6.80 -5.35 -17.27
C ILE A 87 -5.78 -4.95 -18.34
N SER A 88 -6.27 -4.45 -19.48
CA SER A 88 -5.39 -4.10 -20.59
C SER A 88 -4.63 -2.80 -20.31
N LYS A 89 -5.27 -1.84 -19.66
CA LYS A 89 -4.66 -0.56 -19.39
C LYS A 89 -3.45 -0.70 -18.46
N ILE A 90 -3.64 -1.42 -17.36
CA ILE A 90 -2.56 -1.61 -16.39
C ILE A 90 -1.42 -2.42 -16.97
N ARG A 91 -1.74 -3.30 -17.92
CA ARG A 91 -0.71 -4.04 -18.64
C ARG A 91 0.18 -3.09 -19.43
N ARG A 92 -0.43 -2.09 -20.06
CA ARG A 92 0.31 -1.11 -20.86
C ARG A 92 1.15 -0.19 -19.99
N LEU A 93 0.65 0.13 -18.79
CA LEU A 93 1.44 0.89 -17.83
C LEU A 93 2.62 0.06 -17.36
N GLN A 94 2.38 -1.24 -17.19
CA GLN A 94 3.40 -2.18 -16.72
C GLN A 94 4.63 -2.19 -17.63
N GLY A 95 4.40 -2.41 -18.92
CA GLY A 95 5.49 -2.48 -19.88
C GLY A 95 5.89 -3.91 -20.17
N ASN A 96 6.60 -4.11 -21.27
CA ASN A 96 7.03 -5.44 -21.68
C ASN A 96 7.90 -6.14 -20.64
N THR A 97 7.90 -7.47 -20.66
CA THR A 97 8.70 -8.27 -19.73
C THR A 97 10.18 -8.04 -20.00
N ASN A 98 10.51 -7.86 -21.27
CA ASN A 98 11.90 -7.73 -21.69
C ASN A 98 12.44 -6.31 -21.58
N PRO A 99 13.61 -6.16 -20.94
CA PRO A 99 14.28 -4.85 -20.79
C PRO A 99 14.73 -4.28 -22.13
N LEU A 100 14.76 -5.11 -23.17
CA LEU A 100 15.14 -4.67 -24.50
C LEU A 100 13.94 -4.11 -25.26
N ALA A 101 12.76 -4.21 -24.65
CA ALA A 101 11.51 -3.83 -25.31
C ALA A 101 10.66 -2.87 -24.51
N SER A 102 10.63 -3.04 -23.18
CA SER A 102 9.80 -2.19 -22.33
C SER A 102 10.08 -0.72 -22.59
N ALA A 103 9.05 0.01 -22.98
CA ALA A 103 9.21 1.41 -23.39
C ALA A 103 9.33 2.36 -22.21
N PRO A 104 10.16 3.41 -22.37
CA PRO A 104 10.25 4.49 -21.39
C PRO A 104 8.89 5.13 -21.18
N GLY A 105 8.52 5.41 -19.93
CA GLY A 105 7.21 5.92 -19.63
C GLY A 105 6.36 4.86 -18.97
N THR A 106 6.74 3.60 -19.18
CA THR A 106 6.11 2.49 -18.49
C THR A 106 6.88 2.18 -17.21
N ILE A 107 6.29 1.37 -16.34
CA ILE A 107 6.91 1.03 -15.08
C ILE A 107 8.22 0.26 -15.30
N ARG A 108 8.14 -0.83 -16.05
CA ARG A 108 9.32 -1.64 -16.36
C ARG A 108 10.30 -0.86 -17.24
N GLY A 109 9.76 -0.13 -18.22
CA GLY A 109 10.58 0.66 -19.12
C GLY A 109 11.40 1.69 -18.39
N ASP A 110 10.87 2.21 -17.30
CA ASP A 110 11.54 3.25 -16.53
C ASP A 110 12.38 2.71 -15.38
N LEU A 111 11.96 1.59 -14.79
CA LEU A 111 12.54 1.16 -13.53
C LEU A 111 13.13 -0.25 -13.54
N ALA A 112 12.62 -1.12 -14.40
CA ALA A 112 13.11 -2.50 -14.47
C ALA A 112 14.25 -2.65 -15.46
N ASN A 113 15.24 -3.46 -15.10
CA ASN A 113 16.43 -3.66 -15.94
C ASN A 113 16.77 -5.13 -16.11
N ASP A 114 15.89 -6.00 -15.63
CA ASP A 114 16.08 -7.44 -15.74
C ASP A 114 14.76 -8.08 -16.15
N ILE A 115 14.84 -9.21 -16.84
CA ILE A 115 13.63 -9.89 -17.31
C ILE A 115 12.99 -10.71 -16.20
N GLY A 116 13.78 -11.07 -15.20
CA GLY A 116 13.27 -11.80 -14.04
C GLY A 116 12.76 -10.85 -12.98
N GLU A 117 13.64 -9.96 -12.53
CA GLU A 117 13.26 -8.95 -11.55
C GLU A 117 12.64 -7.75 -12.25
N ASN A 118 11.32 -7.81 -12.46
CA ASN A 118 10.62 -6.79 -13.22
C ASN A 118 9.57 -6.03 -12.42
N LEU A 119 9.72 -6.02 -11.10
CA LEU A 119 8.98 -5.12 -10.22
C LEU A 119 7.48 -5.39 -10.05
N ILE A 120 6.79 -5.73 -11.13
CA ILE A 120 5.33 -5.81 -11.08
C ILE A 120 4.73 -6.93 -11.92
N HIS A 121 3.71 -7.57 -11.37
CA HIS A 121 2.87 -8.48 -12.14
C HIS A 121 1.50 -7.86 -12.36
N ALA A 122 0.87 -8.22 -13.47
CA ALA A 122 -0.48 -7.76 -13.77
C ALA A 122 -1.19 -8.80 -14.64
N SER A 123 -2.40 -9.18 -14.24
CA SER A 123 -3.18 -10.15 -15.00
C SER A 123 -3.23 -9.71 -16.46
N ASP A 124 -3.16 -10.69 -17.38
CA ASP A 124 -3.09 -10.37 -18.80
C ASP A 124 -4.43 -10.52 -19.52
N SER A 125 -5.45 -11.04 -18.83
CA SER A 125 -6.76 -11.22 -19.45
C SER A 125 -7.85 -11.41 -18.41
N GLU A 126 -9.10 -11.39 -18.87
CA GLU A 126 -10.25 -11.57 -17.99
C GLU A 126 -10.19 -12.92 -17.29
N ASP A 127 -9.93 -13.97 -18.07
CA ASP A 127 -9.86 -15.33 -17.53
C ASP A 127 -8.81 -15.47 -16.42
N SER A 128 -7.60 -15.01 -16.70
CA SER A 128 -6.50 -15.13 -15.74
C SER A 128 -6.65 -14.19 -14.56
N ALA A 129 -7.36 -13.08 -14.76
CA ALA A 129 -7.63 -12.14 -13.68
C ALA A 129 -8.52 -12.80 -12.63
N VAL A 130 -9.65 -13.35 -13.08
CA VAL A 130 -10.57 -14.07 -12.21
C VAL A 130 -9.80 -15.17 -11.49
N ASP A 131 -8.89 -15.80 -12.21
CA ASP A 131 -8.14 -16.94 -11.68
C ASP A 131 -7.12 -16.51 -10.62
N GLU A 132 -6.42 -15.41 -10.88
CA GLU A 132 -5.37 -14.94 -9.98
C GLU A 132 -5.94 -14.20 -8.77
N ILE A 133 -7.10 -13.57 -8.96
CA ILE A 133 -7.77 -12.90 -7.86
C ILE A 133 -8.24 -13.92 -6.82
N SER A 134 -8.64 -15.09 -7.30
CA SER A 134 -9.13 -16.15 -6.43
C SER A 134 -7.98 -16.90 -5.75
N ILE A 135 -6.76 -16.69 -6.24
CA ILE A 135 -5.59 -17.30 -5.63
C ILE A 135 -5.09 -16.47 -4.45
N TRP A 136 -5.11 -15.16 -4.61
CA TRP A 136 -4.60 -14.24 -3.60
C TRP A 136 -5.69 -13.75 -2.66
N PHE A 137 -6.93 -13.79 -3.13
CA PHE A 137 -8.08 -13.38 -2.32
C PHE A 137 -9.20 -14.42 -2.40
N PRO A 138 -8.93 -15.64 -1.90
CA PRO A 138 -9.84 -16.79 -1.98
C PRO A 138 -11.21 -16.50 -1.39
N GLU A 139 -11.28 -15.54 -0.48
CA GLU A 139 -12.54 -15.22 0.18
C GLU A 139 -13.64 -14.90 -0.83
N LEU B 6 15.10 0.31 17.76
CA LEU B 6 14.24 -0.29 16.75
C LEU B 6 12.81 -0.42 17.27
N GLN B 7 11.91 0.41 16.77
CA GLN B 7 10.53 0.41 17.23
C GLN B 7 9.55 0.07 16.12
N ARG B 8 8.30 -0.16 16.50
CA ARG B 8 7.21 -0.31 15.56
C ARG B 8 6.13 0.72 15.89
N THR B 9 5.59 1.37 14.87
CA THR B 9 4.55 2.37 15.06
C THR B 9 3.35 2.06 14.17
N LEU B 10 2.18 2.57 14.57
CA LEU B 10 0.96 2.35 13.81
C LEU B 10 0.60 3.57 13.00
N VAL B 11 0.42 3.38 11.70
CA VAL B 11 0.05 4.46 10.80
C VAL B 11 -1.30 4.21 10.14
N LEU B 12 -2.14 5.24 10.11
CA LEU B 12 -3.41 5.16 9.39
C LEU B 12 -3.41 6.13 8.20
N ILE B 13 -3.69 5.59 7.02
CA ILE B 13 -3.89 6.42 5.84
C ILE B 13 -5.38 6.75 5.73
N LYS B 14 -5.72 8.00 6.02
CA LYS B 14 -7.10 8.43 6.17
C LYS B 14 -7.84 8.57 4.83
N PRO B 15 -9.19 8.57 4.89
CA PRO B 15 -10.07 8.64 3.72
C PRO B 15 -9.78 9.82 2.78
N ASP B 16 -9.32 10.95 3.33
CA ASP B 16 -9.04 12.12 2.49
C ASP B 16 -7.80 11.90 1.62
N ALA B 17 -6.92 10.99 2.04
CA ALA B 17 -5.78 10.61 1.23
C ALA B 17 -6.26 9.90 -0.04
N PHE B 18 -7.27 9.05 0.13
CA PHE B 18 -7.86 8.32 -0.99
C PHE B 18 -8.65 9.26 -1.91
N GLU B 19 -9.44 10.14 -1.31
CA GLU B 19 -10.26 11.08 -2.07
C GLU B 19 -9.40 12.00 -2.94
N ARG B 20 -8.22 12.35 -2.44
CA ARG B 20 -7.33 13.28 -3.12
C ARG B 20 -6.20 12.55 -3.85
N SER B 21 -6.29 11.23 -3.90
CA SER B 21 -5.27 10.42 -4.57
C SER B 21 -3.85 10.71 -4.06
N LEU B 22 -3.71 10.77 -2.74
CA LEU B 22 -2.42 11.08 -2.12
C LEU B 22 -1.85 9.89 -1.35
N VAL B 23 -2.40 8.71 -1.61
CA VAL B 23 -1.99 7.50 -0.88
C VAL B 23 -0.51 7.19 -1.09
N ALA B 24 -0.10 7.05 -2.35
CA ALA B 24 1.28 6.72 -2.69
C ALA B 24 2.23 7.81 -2.19
N GLU B 25 1.85 9.06 -2.42
CA GLU B 25 2.63 10.21 -1.97
C GLU B 25 3.01 10.07 -0.49
N ILE B 26 2.01 9.80 0.35
CA ILE B 26 2.24 9.71 1.78
C ILE B 26 3.15 8.53 2.14
N MET B 27 2.74 7.33 1.74
CA MET B 27 3.53 6.13 1.96
C MET B 27 4.93 6.28 1.38
N GLY B 28 5.05 7.10 0.33
CA GLY B 28 6.32 7.33 -0.31
C GLY B 28 7.30 8.10 0.55
N ARG B 29 6.79 9.10 1.27
CA ARG B 29 7.64 9.91 2.14
C ARG B 29 8.22 9.09 3.30
N ILE B 30 7.47 8.09 3.73
CA ILE B 30 7.93 7.22 4.81
C ILE B 30 8.89 6.16 4.27
N GLU B 31 8.62 5.69 3.06
CA GLU B 31 9.46 4.70 2.40
C GLU B 31 10.85 5.27 2.10
N LYS B 32 10.90 6.56 1.76
CA LYS B 32 12.16 7.21 1.43
C LYS B 32 13.01 7.46 2.67
N LYS B 33 12.37 7.47 3.85
CA LYS B 33 13.07 7.67 5.10
C LYS B 33 13.63 6.35 5.61
N ASN B 34 13.40 5.29 4.82
CA ASN B 34 13.98 3.97 5.07
C ASN B 34 13.23 3.10 6.08
N PHE B 35 11.96 3.41 6.30
CA PHE B 35 11.13 2.62 7.21
C PHE B 35 10.45 1.47 6.46
N LYS B 36 10.49 0.28 7.05
CA LYS B 36 9.95 -0.91 6.41
C LYS B 36 8.57 -1.30 6.95
N ILE B 37 7.68 -1.71 6.05
CA ILE B 37 6.37 -2.22 6.43
C ILE B 37 6.53 -3.62 7.01
N VAL B 38 5.79 -3.91 8.08
CA VAL B 38 5.78 -5.25 8.65
C VAL B 38 4.36 -5.81 8.68
N SER B 39 3.39 -4.92 8.57
CA SER B 39 1.98 -5.30 8.52
C SER B 39 1.19 -4.27 7.74
N MET B 40 0.24 -4.74 6.94
CA MET B 40 -0.62 -3.83 6.18
C MET B 40 -1.98 -4.45 5.86
N LYS B 41 -3.03 -3.65 6.04
CA LYS B 41 -4.39 -4.11 5.81
C LYS B 41 -5.23 -2.99 5.20
N PHE B 42 -5.95 -3.32 4.13
CA PHE B 42 -6.81 -2.34 3.47
C PHE B 42 -8.25 -2.48 3.95
N TRP B 43 -8.84 -1.36 4.36
CA TRP B 43 -10.23 -1.34 4.80
C TRP B 43 -11.06 -0.48 3.86
N SER B 44 -11.94 -1.11 3.09
CA SER B 44 -12.85 -0.38 2.23
C SER B 44 -13.72 0.52 3.10
N LYS B 45 -13.96 0.08 4.32
CA LYS B 45 -14.66 0.87 5.33
C LYS B 45 -14.40 0.29 6.71
N ALA B 46 -13.59 0.99 7.50
CA ALA B 46 -13.27 0.54 8.84
C ALA B 46 -14.53 0.47 9.71
N PRO B 47 -14.64 -0.57 10.54
CA PRO B 47 -15.77 -0.72 11.48
C PRO B 47 -15.82 0.45 12.45
N ARG B 48 -17.00 1.01 12.65
CA ARG B 48 -17.18 2.15 13.54
C ARG B 48 -16.50 1.97 14.88
N ASN B 49 -16.59 0.75 15.43
CA ASN B 49 -16.08 0.47 16.77
C ASN B 49 -14.54 0.46 16.86
N LEU B 50 -13.88 0.06 15.78
CA LEU B 50 -12.42 0.12 15.75
C LEU B 50 -11.99 1.58 15.83
N ILE B 51 -12.69 2.42 15.09
CA ILE B 51 -12.40 3.86 15.06
C ILE B 51 -12.60 4.47 16.44
N GLU B 52 -13.74 4.18 17.06
CA GLU B 52 -14.06 4.74 18.37
C GLU B 52 -13.08 4.29 19.44
N GLN B 53 -12.56 3.07 19.30
CA GLN B 53 -11.56 2.58 20.24
C GLN B 53 -10.18 3.15 19.96
N HIS B 54 -9.85 3.28 18.67
CA HIS B 54 -8.59 3.92 18.27
C HIS B 54 -8.50 5.30 18.88
N TYR B 55 -9.60 6.04 18.82
CA TYR B 55 -9.67 7.39 19.38
C TYR B 55 -10.43 7.43 20.71
N LYS B 56 -10.27 6.39 21.53
CA LYS B 56 -11.02 6.30 22.77
C LYS B 56 -10.75 7.49 23.70
N GLU B 57 -9.57 8.08 23.57
CA GLU B 57 -9.19 9.22 24.41
C GLU B 57 -9.99 10.49 24.09
N HIS B 58 -10.51 10.57 22.87
CA HIS B 58 -11.23 11.76 22.43
C HIS B 58 -12.74 11.60 22.51
N SER B 59 -13.19 10.52 23.16
CA SER B 59 -14.61 10.17 23.18
C SER B 59 -15.50 11.26 23.78
N GLU B 60 -14.93 12.08 24.67
CA GLU B 60 -15.72 13.12 25.31
C GLU B 60 -15.48 14.49 24.69
N GLN B 61 -14.69 14.52 23.64
CA GLN B 61 -14.38 15.77 22.94
C GLN B 61 -15.49 16.17 21.96
N SER B 62 -15.58 17.46 21.66
CA SER B 62 -16.66 18.00 20.85
C SER B 62 -16.63 17.47 19.41
N TYR B 63 -15.43 17.19 18.90
CA TYR B 63 -15.25 16.80 17.51
C TYR B 63 -15.35 15.29 17.29
N PHE B 64 -15.50 14.55 18.38
CA PHE B 64 -15.46 13.09 18.33
C PHE B 64 -16.34 12.50 17.23
N ASN B 65 -17.61 12.90 17.20
CA ASN B 65 -18.56 12.33 16.24
C ASN B 65 -18.19 12.63 14.79
N ASP B 66 -17.79 13.86 14.52
CA ASP B 66 -17.36 14.25 13.18
C ASP B 66 -16.09 13.49 12.80
N LEU B 67 -15.22 13.29 13.79
CA LEU B 67 -13.96 12.59 13.59
C LEU B 67 -14.18 11.15 13.14
N CYS B 68 -15.13 10.48 13.79
CA CYS B 68 -15.47 9.10 13.45
C CYS B 68 -16.22 9.01 12.13
N ASP B 69 -17.18 9.90 11.94
CA ASP B 69 -17.93 9.96 10.68
C ASP B 69 -16.97 10.07 9.51
N PHE B 70 -15.97 10.93 9.66
CA PHE B 70 -14.96 11.13 8.62
C PHE B 70 -14.11 9.88 8.40
N MET B 71 -13.77 9.19 9.48
CA MET B 71 -12.88 8.03 9.41
C MET B 71 -13.52 6.82 8.72
N VAL B 72 -14.85 6.80 8.65
CA VAL B 72 -15.55 5.70 8.00
C VAL B 72 -16.22 6.16 6.70
N SER B 73 -15.88 7.37 6.26
CA SER B 73 -16.49 7.94 5.07
C SER B 73 -15.75 7.51 3.80
N GLY B 74 -14.64 6.81 3.98
CA GLY B 74 -13.86 6.32 2.86
C GLY B 74 -12.96 5.18 3.30
N PRO B 75 -12.19 4.61 2.36
CA PRO B 75 -11.27 3.54 2.74
C PRO B 75 -10.14 4.07 3.60
N ILE B 76 -9.46 3.17 4.31
CA ILE B 76 -8.23 3.53 5.01
C ILE B 76 -7.24 2.38 4.91
N ILE B 77 -5.98 2.69 5.15
CA ILE B 77 -4.95 1.66 5.21
C ILE B 77 -4.25 1.71 6.55
N SER B 78 -4.27 0.60 7.27
CA SER B 78 -3.53 0.48 8.52
C SER B 78 -2.19 -0.16 8.27
N ILE B 79 -1.12 0.48 8.73
CA ILE B 79 0.23 0.02 8.46
C ILE B 79 1.10 0.04 9.70
N VAL B 80 1.81 -1.06 9.95
CA VAL B 80 2.81 -1.08 11.00
C VAL B 80 4.18 -0.85 10.39
N TYR B 81 4.83 0.24 10.78
CA TYR B 81 6.16 0.56 10.27
C TYR B 81 7.23 0.19 11.30
N GLU B 82 8.35 -0.34 10.82
CA GLU B 82 9.45 -0.70 11.70
C GLU B 82 10.73 0.02 11.30
N GLY B 83 11.42 0.55 12.31
CA GLY B 83 12.68 1.23 12.10
C GLY B 83 13.21 1.74 13.43
N THR B 84 14.48 2.09 13.47
CA THR B 84 15.07 2.61 14.69
C THR B 84 14.49 3.97 15.06
N ASP B 85 13.71 3.99 16.16
CA ASP B 85 13.03 5.21 16.61
C ASP B 85 11.90 5.62 15.68
N ALA B 86 11.13 4.64 15.22
CA ALA B 86 10.08 4.88 14.24
C ALA B 86 8.99 5.83 14.74
N ILE B 87 8.63 5.70 16.01
CA ILE B 87 7.51 6.47 16.56
C ILE B 87 7.72 7.98 16.48
N SER B 88 8.76 8.46 17.14
CA SER B 88 9.05 9.89 17.18
C SER B 88 9.40 10.46 15.80
N LYS B 89 10.11 9.67 15.00
CA LYS B 89 10.54 10.13 13.68
C LYS B 89 9.38 10.32 12.71
N ILE B 90 8.49 9.33 12.64
CA ILE B 90 7.33 9.42 11.76
C ILE B 90 6.37 10.51 12.24
N ARG B 91 6.28 10.67 13.55
CA ARG B 91 5.50 11.77 14.11
C ARG B 91 6.05 13.09 13.57
N ARG B 92 7.38 13.15 13.44
CA ARG B 92 8.05 14.34 12.92
C ARG B 92 7.70 14.57 11.45
N LEU B 93 7.78 13.51 10.65
CA LEU B 93 7.36 13.55 9.26
C LEU B 93 5.91 14.04 9.13
N GLN B 94 5.07 13.60 10.07
CA GLN B 94 3.63 13.87 10.00
C GLN B 94 3.30 15.37 10.01
N GLY B 95 3.80 16.08 11.01
CA GLY B 95 3.53 17.50 11.14
C GLY B 95 2.36 17.79 12.07
N ASN B 96 2.31 19.01 12.58
CA ASN B 96 1.30 19.41 13.55
C ASN B 96 -0.13 19.22 13.04
N THR B 97 -1.05 18.94 13.96
CA THR B 97 -2.45 18.72 13.61
C THR B 97 -3.06 19.97 12.99
N ASN B 98 -2.63 21.13 13.50
CA ASN B 98 -3.17 22.41 13.08
C ASN B 98 -2.47 22.94 11.83
N PRO B 99 -3.25 23.27 10.79
CA PRO B 99 -2.71 23.79 9.52
C PRO B 99 -1.91 25.08 9.74
N LEU B 100 -2.17 25.75 10.86
CA LEU B 100 -1.47 27.00 11.18
C LEU B 100 -0.08 26.73 11.74
N ALA B 101 0.15 25.53 12.24
CA ALA B 101 1.41 25.21 12.91
C ALA B 101 2.25 24.16 12.19
N SER B 102 1.63 23.37 11.32
CA SER B 102 2.34 22.33 10.60
C SER B 102 3.34 22.94 9.61
N ALA B 103 4.59 22.50 9.70
CA ALA B 103 5.67 23.08 8.91
C ALA B 103 5.78 22.50 7.51
N PRO B 104 6.08 23.36 6.53
CA PRO B 104 6.35 22.89 5.16
C PRO B 104 7.48 21.87 5.18
N GLY B 105 7.34 20.81 4.40
CA GLY B 105 8.30 19.72 4.41
C GLY B 105 7.76 18.52 5.15
N THR B 106 6.78 18.77 6.02
CA THR B 106 6.07 17.69 6.68
C THR B 106 4.87 17.28 5.82
N ILE B 107 4.36 16.08 6.06
CA ILE B 107 3.21 15.58 5.31
C ILE B 107 2.04 16.56 5.33
N ARG B 108 1.56 16.87 6.54
CA ARG B 108 0.43 17.78 6.69
C ARG B 108 0.78 19.20 6.26
N GLY B 109 1.95 19.68 6.67
CA GLY B 109 2.39 21.02 6.33
C GLY B 109 2.39 21.28 4.84
N ASP B 110 2.65 20.25 4.06
CA ASP B 110 2.68 20.37 2.60
C ASP B 110 1.31 20.14 1.98
N LEU B 111 0.63 19.09 2.42
CA LEU B 111 -0.55 18.57 1.71
C LEU B 111 -1.89 18.85 2.39
N ALA B 112 -1.91 18.87 3.71
CA ALA B 112 -3.16 19.03 4.46
C ALA B 112 -3.50 20.49 4.72
N ASN B 113 -4.80 20.79 4.74
CA ASN B 113 -5.27 22.15 4.95
C ASN B 113 -6.50 22.20 5.87
N ASP B 114 -6.59 21.24 6.78
CA ASP B 114 -7.70 21.18 7.71
C ASP B 114 -7.28 20.42 8.97
N ILE B 115 -7.74 20.88 10.13
CA ILE B 115 -7.35 20.26 11.40
C ILE B 115 -7.98 18.89 11.58
N GLY B 116 -9.14 18.69 10.96
CA GLY B 116 -9.82 17.41 11.02
C GLY B 116 -9.36 16.46 9.95
N GLU B 117 -9.42 16.89 8.70
CA GLU B 117 -8.97 16.08 7.58
C GLU B 117 -7.47 16.30 7.33
N ASN B 118 -6.65 15.52 8.03
CA ASN B 118 -5.21 15.71 8.00
C ASN B 118 -4.43 14.53 7.43
N LEU B 119 -5.12 13.68 6.68
CA LEU B 119 -4.47 12.67 5.83
C LEU B 119 -3.90 11.43 6.55
N ILE B 120 -3.19 11.64 7.65
CA ILE B 120 -2.44 10.55 8.25
C ILE B 120 -2.49 10.52 9.78
N HIS B 121 -2.55 9.32 10.33
CA HIS B 121 -2.38 9.12 11.77
C HIS B 121 -1.07 8.40 12.07
N ALA B 122 -0.51 8.66 13.25
CA ALA B 122 0.71 8.00 13.68
C ALA B 122 0.75 7.96 15.20
N SER B 123 1.03 6.78 15.75
CA SER B 123 1.14 6.62 17.20
C SER B 123 2.04 7.71 17.78
N ASP B 124 1.71 8.16 18.99
CA ASP B 124 2.45 9.28 19.59
C ASP B 124 3.37 8.85 20.73
N SER B 125 3.40 7.55 21.03
CA SER B 125 4.27 7.03 22.08
C SER B 125 4.40 5.52 22.03
N GLU B 126 5.35 5.00 22.79
CA GLU B 126 5.57 3.56 22.89
C GLU B 126 4.30 2.82 23.32
N ASP B 127 3.67 3.33 24.36
CA ASP B 127 2.49 2.70 24.94
C ASP B 127 1.28 2.73 24.02
N SER B 128 1.04 3.89 23.40
CA SER B 128 -0.10 4.04 22.52
C SER B 128 0.08 3.25 21.23
N ALA B 129 1.33 3.17 20.75
CA ALA B 129 1.65 2.39 19.57
C ALA B 129 1.31 0.92 19.80
N VAL B 130 1.56 0.45 21.02
CA VAL B 130 1.30 -0.94 21.38
C VAL B 130 -0.20 -1.26 21.37
N ASP B 131 -1.00 -0.33 21.87
CA ASP B 131 -2.45 -0.49 21.86
C ASP B 131 -2.97 -0.45 20.44
N GLU B 132 -2.67 0.64 19.75
CA GLU B 132 -3.16 0.86 18.39
C GLU B 132 -2.79 -0.27 17.44
N ILE B 133 -1.62 -0.87 17.66
CA ILE B 133 -1.19 -1.99 16.83
C ILE B 133 -2.05 -3.22 17.08
N SER B 134 -2.43 -3.42 18.34
CA SER B 134 -3.24 -4.58 18.72
C SER B 134 -4.70 -4.39 18.30
N ILE B 135 -5.09 -3.15 18.04
CA ILE B 135 -6.45 -2.85 17.61
C ILE B 135 -6.66 -3.23 16.16
N TRP B 136 -5.65 -3.00 15.33
CA TRP B 136 -5.77 -3.19 13.89
C TRP B 136 -5.20 -4.53 13.41
N PHE B 137 -4.33 -5.12 14.22
CA PHE B 137 -3.72 -6.40 13.88
C PHE B 137 -3.68 -7.31 15.11
N PRO B 138 -4.84 -7.87 15.48
CA PRO B 138 -4.97 -8.72 16.68
C PRO B 138 -4.46 -10.14 16.46
#